data_4WGI
#
_entry.id   4WGI
#
_cell.length_a   99.300
_cell.length_b   135.870
_cell.length_c   37.690
_cell.angle_alpha   90.000
_cell.angle_beta   90.000
_cell.angle_gamma   90.000
#
_symmetry.space_group_name_H-M   'P 21 21 2'
#
loop_
_entity.id
_entity.type
_entity.pdbx_description
1 polymer 'Maltose-binding periplasmic protein,Induced myeloid leukemia cell differentiation protein Mcl-1'
2 branched alpha-D-glucopyranose-(1-4)-alpha-D-glucopyranose
3 non-polymer '(2S)-2-[(2S,3R)-10-{[(4-fluorophenyl)sulfonyl]amino}-3-methyl-2-[(methyl{[4-(trifluoromethyl)phenyl]carbamoyl}amino)methyl]-6-oxo-3,4-dihydro-2H-1,5-benzoxazocin-5(6H)-yl]propanoic acid'
4 non-polymer 'MAGNESIUM ION'
5 non-polymer 'FORMIC ACID'
6 water water
#
_entity_poly.entity_id   1
_entity_poly.type   'polypeptide(L)'
_entity_poly.pdbx_seq_one_letter_code
;GKIEEGKLVIWINGDKGYNGLAEVGKKFEKDTGIKVTVEHPDKLEEKFPQVAATGDGPDIIFWAHDRFGGYAQSGLLAEI
TPDKAFQDKLYPFTWDAVRYNGKLIAYPIAVEALSLIYNKDLLPNPPKTWEEIPALDKELKAKGKSALMFNLQEPYFTWP
LIAADGGYAFKYENGKYDIKDVGVDNAGAKAGLTFLVDLIKNKHMNADTDYSIAEAAFNKGETAMTINGPWAWSNIDTSK
VNYGVTVLPTFKGQPSKPFVGVLSAGINAASPNKELAKEFLENYLLTDEGLEAVNKDKPLGAVALKSYEEELAKDPRIAA
TMENAQKGEIMPNIPQMSAFWYAVRTAVINAASGRQTVDEALKDAQTGSELYRQSLEIISRYLREQATGAADTAPMGASG
ATSRKALETLRRVGDGVQRNHETAFQGMLRKLDIKNEDDVKSLSRVMIHVFSDGVTNWGRIVTLISFGAFVAKHLKTINQ
ESCIEPLAESITDVLVRTKRDWLVKQRGWDGFVEFFHV
;
_entity_poly.pdbx_strand_id   A
#
loop_
_chem_comp.id
_chem_comp.type
_chem_comp.name
_chem_comp.formula
3M6 non-polymer '(2S)-2-[(2S,3R)-10-{[(4-fluorophenyl)sulfonyl]amino}-3-methyl-2-[(methyl{[4-(trifluoromethyl)phenyl]carbamoyl}amino)methyl]-6-oxo-3,4-dihydro-2H-1,5-benzoxazocin-5(6H)-yl]propanoic acid' 'C30 H30 F4 N4 O7 S'
FMT non-polymer 'FORMIC ACID' 'C H2 O2'
GLC D-saccharide, alpha linking alpha-D-glucopyranose 'C6 H12 O6'
MG non-polymer 'MAGNESIUM ION' 'Mg 2'
#
# COMPACT_ATOMS: atom_id res chain seq x y z
N GLY A 1 -15.63 -24.84 -2.34
CA GLY A 1 -14.75 -24.02 -1.54
C GLY A 1 -15.29 -23.74 -0.15
N LYS A 2 -14.64 -22.81 0.56
CA LYS A 2 -15.02 -22.49 1.92
C LYS A 2 -15.98 -21.31 1.99
N ILE A 3 -15.99 -20.48 0.94
CA ILE A 3 -16.91 -19.35 0.89
C ILE A 3 -18.30 -19.84 0.52
N GLU A 4 -19.30 -19.41 1.26
CA GLU A 4 -20.67 -19.91 1.09
C GLU A 4 -21.34 -19.42 -0.19
N GLU A 5 -21.90 -20.36 -0.95
CA GLU A 5 -22.68 -20.04 -2.14
C GLU A 5 -24.00 -19.37 -1.78
N GLY A 6 -24.49 -18.52 -2.68
CA GLY A 6 -25.83 -17.97 -2.57
C GLY A 6 -26.01 -16.92 -1.49
N LYS A 7 -24.89 -16.39 -1.01
CA LYS A 7 -24.87 -15.29 -0.07
C LYS A 7 -23.82 -14.28 -0.51
N LEU A 8 -23.81 -13.09 0.10
CA LEU A 8 -22.72 -12.15 -0.10
C LEU A 8 -22.15 -11.68 1.23
N VAL A 9 -20.84 -11.87 1.40
CA VAL A 9 -20.13 -11.33 2.55
C VAL A 9 -19.20 -10.22 2.07
N ILE A 10 -19.34 -9.04 2.67
CA ILE A 10 -18.61 -7.85 2.25
C ILE A 10 -17.79 -7.25 3.37
N TRP A 11 -16.49 -7.05 3.14
CA TRP A 11 -15.65 -6.39 4.14
C TRP A 11 -15.26 -4.97 3.71
N ILE A 12 -15.38 -4.04 4.66
CA ILE A 12 -15.00 -2.65 4.41
C ILE A 12 -14.36 -2.10 5.70
N ASN A 13 -13.50 -1.11 5.58
CA ASN A 13 -12.78 -0.61 6.75
C ASN A 13 -13.68 0.14 7.72
N GLY A 14 -13.35 0.06 8.99
CA GLY A 14 -14.15 0.63 10.07
C GLY A 14 -14.29 2.14 10.08
N ASP A 15 -13.51 2.86 9.28
CA ASP A 15 -13.68 4.32 9.21
C ASP A 15 -14.61 4.72 8.06
N LYS A 16 -15.10 3.74 7.32
CA LYS A 16 -16.01 4.01 6.22
C LYS A 16 -17.48 3.82 6.62
N GLY A 17 -18.40 4.21 5.75
CA GLY A 17 -19.81 4.12 6.04
C GLY A 17 -20.41 2.73 5.88
N TYR A 18 -20.03 1.81 6.75
CA TYR A 18 -20.48 0.42 6.62
C TYR A 18 -21.94 0.21 6.99
N ASN A 19 -22.52 1.13 7.74
CA ASN A 19 -23.95 1.04 8.05
C ASN A 19 -24.77 1.47 6.84
N GLY A 20 -24.27 2.46 6.10
CA GLY A 20 -24.89 2.86 4.86
C GLY A 20 -24.76 1.77 3.81
N LEU A 21 -23.61 1.12 3.77
CA LEU A 21 -23.37 0.00 2.86
C LEU A 21 -24.33 -1.15 3.18
N ALA A 22 -24.61 -1.34 4.46
CA ALA A 22 -25.52 -2.40 4.89
C ALA A 22 -26.95 -2.14 4.42
N GLU A 23 -27.35 -0.87 4.37
CA GLU A 23 -28.66 -0.51 3.83
C GLU A 23 -28.77 -0.91 2.37
N VAL A 24 -27.69 -0.68 1.61
CA VAL A 24 -27.66 -1.09 0.22
C VAL A 24 -27.73 -2.61 0.14
N GLY A 25 -27.04 -3.29 1.05
CA GLY A 25 -27.18 -4.73 1.20
C GLY A 25 -28.61 -5.14 1.49
N LYS A 26 -29.28 -4.37 2.35
CA LYS A 26 -30.66 -4.67 2.72
C LYS A 26 -31.61 -4.55 1.52
N LYS A 27 -31.35 -3.58 0.64
CA LYS A 27 -32.16 -3.39 -0.55
C LYS A 27 -31.97 -4.55 -1.53
N PHE A 28 -30.72 -4.98 -1.69
CA PHE A 28 -30.39 -6.13 -2.52
C PHE A 28 -31.11 -7.37 -2.02
N GLU A 29 -31.09 -7.54 -0.71
CA GLU A 29 -31.72 -8.67 -0.05
C GLU A 29 -33.23 -8.68 -0.27
N LYS A 30 -33.82 -7.48 -0.24
CA LYS A 30 -35.25 -7.32 -0.47
C LYS A 30 -35.63 -7.78 -1.87
N ASP A 31 -34.92 -7.30 -2.88
CA ASP A 31 -35.19 -7.65 -4.27
C ASP A 31 -34.99 -9.14 -4.56
N THR A 32 -33.87 -9.68 -4.10
CA THR A 32 -33.42 -10.99 -4.57
C THR A 32 -33.61 -12.14 -3.58
N GLY A 33 -33.84 -11.82 -2.32
CA GLY A 33 -33.94 -12.85 -1.29
C GLY A 33 -32.58 -13.42 -0.93
N ILE A 34 -31.52 -12.77 -1.38
CA ILE A 34 -30.15 -13.20 -1.11
C ILE A 34 -29.55 -12.39 0.05
N LYS A 35 -29.06 -13.09 1.05
CA LYS A 35 -28.48 -12.44 2.24
C LYS A 35 -27.20 -11.69 1.92
N VAL A 36 -27.12 -10.45 2.38
CA VAL A 36 -25.90 -9.66 2.31
C VAL A 36 -25.43 -9.31 3.72
N THR A 37 -24.17 -9.60 4.01
CA THR A 37 -23.61 -9.32 5.33
C THR A 37 -22.37 -8.43 5.21
N VAL A 38 -22.40 -7.31 5.92
CA VAL A 38 -21.28 -6.38 5.89
C VAL A 38 -20.50 -6.44 7.20
N GLU A 39 -19.19 -6.59 7.09
CA GLU A 39 -18.31 -6.60 8.26
C GLU A 39 -17.21 -5.56 8.14
N HIS A 40 -16.70 -5.10 9.27
CA HIS A 40 -15.54 -4.21 9.28
C HIS A 40 -14.45 -4.75 10.20
N PRO A 41 -13.78 -5.82 9.77
CA PRO A 41 -12.77 -6.47 10.60
C PRO A 41 -11.57 -5.55 10.89
N ASP A 42 -10.95 -5.72 12.04
CA ASP A 42 -9.74 -4.99 12.38
CA ASP A 42 -9.74 -5.00 12.40
C ASP A 42 -8.59 -5.43 11.50
N LYS A 43 -7.66 -4.51 11.20
CA LYS A 43 -6.50 -4.78 10.36
C LYS A 43 -6.91 -5.44 9.05
N LEU A 44 -8.02 -4.95 8.50
CA LEU A 44 -8.62 -5.48 7.28
C LEU A 44 -7.62 -5.71 6.13
N GLU A 45 -6.73 -4.75 5.91
CA GLU A 45 -5.81 -4.83 4.78
C GLU A 45 -4.77 -5.93 4.98
N GLU A 46 -4.65 -6.42 6.21
CA GLU A 46 -3.77 -7.54 6.53
C GLU A 46 -4.59 -8.83 6.63
N LYS A 47 -5.80 -8.71 7.17
CA LYS A 47 -6.66 -9.87 7.36
C LYS A 47 -7.11 -10.48 6.04
N PHE A 48 -7.45 -9.64 5.06
CA PHE A 48 -7.95 -10.15 3.78
C PHE A 48 -6.95 -11.06 3.04
N PRO A 49 -5.70 -10.60 2.84
CA PRO A 49 -4.80 -11.51 2.12
C PRO A 49 -4.51 -12.80 2.89
N GLN A 50 -4.55 -12.73 4.22
CA GLN A 50 -4.34 -13.92 5.04
C GLN A 50 -5.39 -14.98 4.77
N VAL A 51 -6.66 -14.57 4.80
CA VAL A 51 -7.75 -15.53 4.64
C VAL A 51 -8.01 -15.89 3.17
N ALA A 52 -7.83 -14.93 2.26
CA ALA A 52 -8.11 -15.19 0.85
C ALA A 52 -7.10 -16.17 0.27
N ALA A 53 -5.88 -16.12 0.79
CA ALA A 53 -4.80 -16.99 0.30
C ALA A 53 -5.10 -18.47 0.56
N THR A 54 -6.07 -18.74 1.43
CA THR A 54 -6.48 -20.12 1.69
C THR A 54 -7.80 -20.40 1.01
N GLY A 55 -8.24 -19.47 0.16
CA GLY A 55 -9.50 -19.59 -0.53
C GLY A 55 -10.70 -19.29 0.37
N ASP A 56 -10.50 -18.39 1.33
CA ASP A 56 -11.55 -18.04 2.26
C ASP A 56 -11.79 -16.53 2.26
N GLY A 57 -12.56 -16.05 3.23
CA GLY A 57 -12.79 -14.62 3.35
C GLY A 57 -14.08 -14.17 2.70
N PRO A 58 -14.19 -12.85 2.47
CA PRO A 58 -15.41 -12.23 1.94
C PRO A 58 -15.54 -12.41 0.44
N ASP A 59 -16.76 -12.31 -0.07
CA ASP A 59 -16.97 -12.25 -1.51
C ASP A 59 -16.44 -10.94 -2.07
N ILE A 60 -16.59 -9.87 -1.32
CA ILE A 60 -16.24 -8.54 -1.78
C ILE A 60 -15.35 -7.83 -0.77
N ILE A 61 -14.23 -7.30 -1.23
CA ILE A 61 -13.31 -6.58 -0.34
C ILE A 61 -13.17 -5.11 -0.74
N PHE A 62 -13.38 -4.21 0.22
CA PHE A 62 -13.16 -2.77 0.01
C PHE A 62 -11.85 -2.31 0.63
N TRP A 63 -11.09 -1.56 -0.15
CA TRP A 63 -9.90 -0.85 0.33
C TRP A 63 -9.50 0.16 -0.74
N ALA A 64 -8.62 1.09 -0.39
CA ALA A 64 -8.02 1.97 -1.39
C ALA A 64 -7.28 1.12 -2.43
N HIS A 65 -7.18 1.64 -3.64
CA HIS A 65 -6.66 0.86 -4.77
C HIS A 65 -5.19 0.41 -4.64
N ASP A 66 -4.39 1.07 -3.79
CA ASP A 66 -2.96 0.78 -3.73
C ASP A 66 -2.64 -0.67 -3.31
N ARG A 67 -3.51 -1.28 -2.51
CA ARG A 67 -3.26 -2.64 -2.04
C ARG A 67 -3.69 -3.72 -3.03
N PHE A 68 -4.48 -3.35 -4.03
CA PHE A 68 -5.14 -4.33 -4.88
C PHE A 68 -4.20 -5.02 -5.88
N GLY A 69 -3.12 -4.36 -6.27
CA GLY A 69 -2.16 -4.97 -7.17
C GLY A 69 -1.50 -6.16 -6.52
N GLY A 70 -1.15 -6.01 -5.26
CA GLY A 70 -0.59 -7.10 -4.47
C GLY A 70 -1.58 -8.25 -4.38
N TYR A 71 -2.84 -7.92 -4.10
CA TYR A 71 -3.88 -8.94 -4.00
C TYR A 71 -4.02 -9.70 -5.31
N ALA A 72 -4.05 -8.96 -6.42
CA ALA A 72 -4.19 -9.55 -7.75
C ALA A 72 -2.98 -10.41 -8.13
N GLN A 73 -1.79 -9.88 -7.83
CA GLN A 73 -0.56 -10.61 -8.08
C GLN A 73 -0.53 -11.93 -7.32
N SER A 74 -1.18 -11.96 -6.16
CA SER A 74 -1.22 -13.16 -5.33
C SER A 74 -2.39 -14.08 -5.70
N GLY A 75 -3.10 -13.74 -6.78
CA GLY A 75 -4.20 -14.56 -7.25
C GLY A 75 -5.44 -14.51 -6.37
N LEU A 76 -5.61 -13.41 -5.64
CA LEU A 76 -6.69 -13.31 -4.67
C LEU A 76 -7.92 -12.59 -5.23
N LEU A 77 -7.78 -12.02 -6.42
CA LEU A 77 -8.86 -11.22 -7.00
C LEU A 77 -9.32 -11.76 -8.35
N ALA A 78 -10.62 -11.72 -8.56
CA ALA A 78 -11.19 -12.04 -9.86
C ALA A 78 -11.06 -10.84 -10.79
N GLU A 79 -10.77 -11.10 -12.06
CA GLU A 79 -10.82 -10.05 -13.05
C GLU A 79 -12.26 -9.59 -13.14
N ILE A 80 -12.49 -8.28 -13.17
CA ILE A 80 -13.83 -7.80 -13.39
C ILE A 80 -13.94 -7.31 -14.82
N THR A 81 -15.09 -7.56 -15.44
CA THR A 81 -15.29 -7.16 -16.82
C THR A 81 -16.66 -6.51 -16.99
N PRO A 82 -16.79 -5.26 -16.52
CA PRO A 82 -18.04 -4.53 -16.75
C PRO A 82 -18.23 -4.30 -18.23
N ASP A 83 -19.48 -4.22 -18.69
CA ASP A 83 -19.70 -3.97 -20.09
C ASP A 83 -19.37 -2.51 -20.37
N LYS A 84 -19.24 -2.19 -21.65
CA LYS A 84 -18.87 -0.84 -22.07
C LYS A 84 -19.75 0.23 -21.45
N ALA A 85 -21.05 -0.02 -21.44
CA ALA A 85 -22.02 0.95 -20.94
C ALA A 85 -21.80 1.25 -19.46
N PHE A 86 -21.51 0.23 -18.66
CA PHE A 86 -21.25 0.48 -17.25
C PHE A 86 -19.93 1.23 -17.11
N GLN A 87 -18.94 0.83 -17.90
CA GLN A 87 -17.62 1.43 -17.83
C GLN A 87 -17.69 2.93 -18.09
N ASP A 88 -18.48 3.32 -19.08
CA ASP A 88 -18.61 4.73 -19.45
C ASP A 88 -19.30 5.57 -18.38
N LYS A 89 -19.91 4.92 -17.39
CA LYS A 89 -20.57 5.66 -16.31
C LYS A 89 -19.60 6.19 -15.26
N LEU A 90 -18.38 5.67 -15.24
CA LEU A 90 -17.37 6.13 -14.28
C LEU A 90 -16.22 6.84 -14.99
N TYR A 91 -15.58 7.78 -14.29
CA TYR A 91 -14.46 8.51 -14.84
C TYR A 91 -13.33 7.57 -15.21
N PRO A 92 -12.77 7.73 -16.42
CA PRO A 92 -11.69 6.87 -16.91
C PRO A 92 -10.49 6.79 -15.95
N PHE A 93 -10.15 7.87 -15.26
CA PHE A 93 -8.97 7.86 -14.42
C PHE A 93 -9.18 7.00 -13.18
N THR A 94 -10.44 6.84 -12.77
CA THR A 94 -10.73 5.95 -11.65
C THR A 94 -10.58 4.50 -12.08
N TRP A 95 -10.86 4.21 -13.34
CA TRP A 95 -10.62 2.87 -13.89
C TRP A 95 -9.13 2.59 -14.00
N ASP A 96 -8.36 3.62 -14.38
CA ASP A 96 -6.92 3.53 -14.47
C ASP A 96 -6.33 3.09 -13.13
N ALA A 97 -6.92 3.59 -12.04
CA ALA A 97 -6.46 3.27 -10.69
C ALA A 97 -6.61 1.79 -10.35
N VAL A 98 -7.55 1.11 -10.99
CA VAL A 98 -7.84 -0.28 -10.66
C VAL A 98 -7.46 -1.21 -11.80
N ARG A 99 -6.58 -0.75 -12.67
CA ARG A 99 -6.02 -1.60 -13.70
C ARG A 99 -4.67 -2.14 -13.24
N TYR A 100 -4.47 -3.44 -13.43
CA TYR A 100 -3.21 -4.09 -13.05
C TYR A 100 -2.81 -5.10 -14.12
N ASN A 101 -1.64 -4.88 -14.72
CA ASN A 101 -1.16 -5.72 -15.82
C ASN A 101 -2.20 -5.82 -16.95
N GLY A 102 -2.78 -4.69 -17.30
CA GLY A 102 -3.72 -4.62 -18.40
C GLY A 102 -5.14 -5.07 -18.08
N LYS A 103 -5.38 -5.49 -16.84
CA LYS A 103 -6.70 -5.98 -16.45
C LYS A 103 -7.34 -5.19 -15.31
N LEU A 104 -8.65 -5.03 -15.37
CA LEU A 104 -9.40 -4.43 -14.28
C LEU A 104 -9.55 -5.42 -13.15
N ILE A 105 -9.18 -5.00 -11.93
CA ILE A 105 -9.14 -5.93 -10.81
C ILE A 105 -10.06 -5.48 -9.66
N ALA A 106 -10.84 -4.43 -9.90
CA ALA A 106 -11.75 -3.88 -8.91
C ALA A 106 -12.67 -2.83 -9.51
N TYR A 107 -13.78 -2.56 -8.83
CA TYR A 107 -14.63 -1.41 -9.15
C TYR A 107 -14.20 -0.18 -8.35
N PRO A 108 -13.87 0.91 -9.05
CA PRO A 108 -13.56 2.17 -8.35
C PRO A 108 -14.81 2.79 -7.75
N ILE A 109 -14.72 3.28 -6.53
CA ILE A 109 -15.90 3.79 -5.82
C ILE A 109 -15.82 5.30 -5.61
N ALA A 110 -14.69 5.78 -5.10
CA ALA A 110 -14.55 7.19 -4.80
C ALA A 110 -13.10 7.62 -4.64
N VAL A 111 -12.81 8.86 -5.02
CA VAL A 111 -11.47 9.41 -4.89
C VAL A 111 -11.28 10.06 -3.53
N GLU A 112 -10.26 9.62 -2.79
CA GLU A 112 -9.97 10.12 -1.45
C GLU A 112 -8.70 10.94 -1.43
N ALA A 113 -8.74 12.11 -0.80
CA ALA A 113 -7.52 12.86 -0.52
C ALA A 113 -7.63 13.57 0.82
N LEU A 114 -6.52 13.65 1.54
CA LEU A 114 -6.46 14.40 2.79
C LEU A 114 -6.57 15.90 2.55
N SER A 115 -7.21 16.58 3.49
CA SER A 115 -7.28 18.04 3.47
C SER A 115 -6.91 18.59 4.84
N LEU A 116 -6.67 19.89 4.93
CA LEU A 116 -6.53 20.53 6.21
C LEU A 116 -7.93 20.88 6.72
N ILE A 117 -8.30 20.34 7.86
CA ILE A 117 -9.58 20.62 8.48
C ILE A 117 -9.32 21.54 9.67
N TYR A 118 -10.07 22.64 9.77
CA TYR A 118 -9.76 23.62 10.80
C TYR A 118 -11.01 24.16 11.48
N ASN A 119 -10.84 24.55 12.74
CA ASN A 119 -11.90 25.12 13.55
C ASN A 119 -12.02 26.63 13.26
N LYS A 120 -13.11 27.02 12.62
CA LYS A 120 -13.29 28.41 12.19
C LYS A 120 -13.40 29.37 13.38
N ASP A 121 -13.84 28.85 14.52
CA ASP A 121 -14.03 29.71 15.68
C ASP A 121 -12.69 30.00 16.37
N LEU A 122 -11.76 29.05 16.28
CA LEU A 122 -10.44 29.24 16.87
C LEU A 122 -9.47 29.87 15.88
N LEU A 123 -9.67 29.54 14.62
CA LEU A 123 -8.70 29.82 13.59
C LEU A 123 -9.38 30.24 12.29
N PRO A 124 -9.90 31.47 12.23
CA PRO A 124 -10.59 32.00 11.06
C PRO A 124 -9.72 32.01 9.82
N ASN A 125 -8.43 32.20 10.02
CA ASN A 125 -7.50 32.19 8.89
C ASN A 125 -6.39 31.19 9.14
N PRO A 126 -6.63 29.93 8.76
CA PRO A 126 -5.67 28.85 8.97
C PRO A 126 -4.39 29.12 8.22
N PRO A 127 -3.27 28.62 8.75
CA PRO A 127 -1.94 28.87 8.19
C PRO A 127 -1.80 28.35 6.77
N LYS A 128 -1.14 29.11 5.92
CA LYS A 128 -0.86 28.65 4.57
C LYS A 128 0.43 27.82 4.54
N THR A 129 1.23 27.93 5.59
CA THR A 129 2.52 27.22 5.66
C THR A 129 2.67 26.37 6.90
N TRP A 130 3.39 25.25 6.77
CA TRP A 130 3.78 24.48 7.93
C TRP A 130 4.69 25.31 8.85
N GLU A 131 5.53 26.15 8.25
CA GLU A 131 6.56 26.86 9.01
C GLU A 131 6.00 27.79 10.09
N GLU A 132 4.76 28.23 9.94
CA GLU A 132 4.21 29.17 10.90
C GLU A 132 3.40 28.48 12.00
N ILE A 133 3.30 27.15 11.93
CA ILE A 133 2.52 26.41 12.92
C ILE A 133 3.15 26.39 14.33
N PRO A 134 4.49 26.27 14.45
CA PRO A 134 5.06 26.39 15.80
C PRO A 134 4.66 27.67 16.55
N ALA A 135 4.72 28.81 15.87
CA ALA A 135 4.36 30.09 16.47
C ALA A 135 2.85 30.15 16.73
N LEU A 136 2.08 29.58 15.82
CA LEU A 136 0.64 29.55 15.97
C LEU A 136 0.26 28.68 17.18
N ASP A 137 0.99 27.59 17.38
CA ASP A 137 0.74 26.72 18.52
C ASP A 137 0.98 27.47 19.83
N LYS A 138 2.09 28.20 19.89
CA LYS A 138 2.43 28.97 21.09
C LYS A 138 1.34 29.99 21.43
N GLU A 139 0.82 30.63 20.39
CA GLU A 139 -0.25 31.61 20.55
C GLU A 139 -1.51 30.93 21.08
N LEU A 140 -1.85 29.78 20.49
CA LEU A 140 -3.05 29.04 20.87
C LEU A 140 -2.91 28.40 22.26
N LYS A 141 -1.71 27.94 22.60
CA LYS A 141 -1.47 27.33 23.91
C LYS A 141 -1.76 28.29 25.06
N ALA A 142 -1.55 29.60 24.82
CA ALA A 142 -1.87 30.61 25.82
C ALA A 142 -3.37 30.63 26.13
N LYS A 143 -4.17 30.13 25.19
CA LYS A 143 -5.63 30.07 25.31
C LYS A 143 -6.13 28.70 25.74
N GLY A 144 -5.22 27.77 26.02
CA GLY A 144 -5.60 26.42 26.35
C GLY A 144 -5.94 25.56 25.15
N LYS A 145 -5.37 25.90 24.00
CA LYS A 145 -5.64 25.17 22.76
C LYS A 145 -4.33 24.77 22.09
N SER A 146 -4.36 23.77 21.23
CA SER A 146 -3.19 23.49 20.40
C SER A 146 -3.52 23.79 18.95
N ALA A 147 -2.48 23.89 18.13
CA ALA A 147 -2.67 24.23 16.72
C ALA A 147 -3.16 23.06 15.89
N LEU A 148 -2.53 21.91 16.08
CA LEU A 148 -2.69 20.81 15.13
C LEU A 148 -2.52 19.44 15.78
N MET A 149 -3.48 18.54 15.51
CA MET A 149 -3.33 17.14 15.89
C MET A 149 -3.82 16.23 14.77
N PHE A 150 -3.00 15.26 14.40
CA PHE A 150 -3.42 14.26 13.42
C PHE A 150 -2.69 12.95 13.67
N ASN A 151 -3.20 11.89 13.04
CA ASN A 151 -2.72 10.55 13.31
C ASN A 151 -1.27 10.37 12.87
N LEU A 152 -0.40 10.12 13.85
CA LEU A 152 1.03 9.91 13.58
C LEU A 152 1.40 8.43 13.52
N GLN A 153 0.41 7.55 13.64
CA GLN A 153 0.67 6.11 13.62
C GLN A 153 0.52 5.49 12.24
N GLU A 154 -0.02 6.26 11.31
CA GLU A 154 -0.14 5.85 9.92
C GLU A 154 0.53 6.87 9.00
N PRO A 155 1.50 6.41 8.21
CA PRO A 155 2.32 7.28 7.35
C PRO A 155 1.51 8.03 6.29
N TYR A 156 0.32 7.53 5.97
CA TYR A 156 -0.61 8.20 5.06
C TYR A 156 -0.79 9.69 5.39
N PHE A 157 -0.83 9.99 6.67
CA PHE A 157 -1.15 11.34 7.14
C PHE A 157 0.07 12.25 7.15
N THR A 158 1.26 11.66 7.24
CA THR A 158 2.51 12.41 7.31
C THR A 158 3.12 12.52 5.91
N TRP A 159 2.77 11.59 5.04
CA TRP A 159 3.29 11.60 3.67
C TRP A 159 3.15 12.94 2.94
N PRO A 160 2.02 13.66 3.09
CA PRO A 160 1.93 14.93 2.35
C PRO A 160 3.07 15.88 2.65
N LEU A 161 3.55 15.89 3.88
CA LEU A 161 4.64 16.76 4.30
C LEU A 161 5.99 16.20 3.83
N ILE A 162 6.16 14.89 3.95
CA ILE A 162 7.34 14.23 3.42
C ILE A 162 7.54 14.52 1.94
N ALA A 163 6.45 14.50 1.19
CA ALA A 163 6.51 14.65 -0.26
C ALA A 163 6.69 16.10 -0.68
N ALA A 164 6.38 17.03 0.22
CA ALA A 164 6.31 18.45 -0.12
C ALA A 164 7.59 18.99 -0.77
N ASP A 165 8.74 18.77 -0.12
CA ASP A 165 10.00 19.32 -0.60
C ASP A 165 10.83 18.31 -1.39
N GLY A 166 10.20 17.24 -1.86
CA GLY A 166 10.88 16.37 -2.80
C GLY A 166 10.88 14.88 -2.52
N GLY A 167 10.38 14.47 -1.36
CA GLY A 167 10.26 13.06 -1.09
C GLY A 167 9.28 12.41 -2.05
N TYR A 168 9.55 11.17 -2.44
CA TYR A 168 8.60 10.43 -3.27
C TYR A 168 8.77 8.94 -3.04
N ALA A 169 7.75 8.16 -3.40
CA ALA A 169 7.82 6.72 -3.23
C ALA A 169 8.56 6.13 -4.41
N PHE A 170 7.81 5.74 -5.44
CA PHE A 170 8.39 5.30 -6.69
C PHE A 170 8.17 6.40 -7.72
N LYS A 171 9.26 6.90 -8.28
CA LYS A 171 9.25 8.07 -9.16
CA LYS A 171 9.21 8.09 -9.13
C LYS A 171 8.21 7.96 -10.27
N TYR A 172 7.37 8.99 -10.40
CA TYR A 172 6.39 9.06 -11.48
C TYR A 172 6.71 10.27 -12.36
N GLU A 173 6.81 10.04 -13.66
CA GLU A 173 7.14 11.11 -14.61
C GLU A 173 6.73 10.74 -16.03
N ASP A 178 9.12 4.80 -12.73
CA ASP A 178 10.43 4.17 -12.54
C ASP A 178 10.53 3.56 -11.14
N ILE A 179 10.21 2.27 -11.05
CA ILE A 179 10.16 1.57 -9.76
C ILE A 179 11.56 1.44 -9.14
N LYS A 180 12.59 1.55 -9.96
CA LYS A 180 13.96 1.47 -9.45
C LYS A 180 14.39 2.77 -8.80
N ASP A 181 13.59 3.82 -9.02
CA ASP A 181 13.89 5.15 -8.50
C ASP A 181 13.01 5.47 -7.29
N VAL A 182 13.60 5.37 -6.09
CA VAL A 182 12.84 5.55 -4.86
C VAL A 182 13.38 6.75 -4.09
N GLY A 183 12.48 7.62 -3.61
CA GLY A 183 12.92 8.86 -3.00
C GLY A 183 12.50 9.00 -1.55
N VAL A 184 12.58 7.90 -0.81
CA VAL A 184 12.14 7.88 0.57
C VAL A 184 13.19 8.51 1.49
N ASP A 185 14.46 8.42 1.13
CA ASP A 185 15.51 8.98 1.99
C ASP A 185 16.34 10.09 1.33
N ASN A 186 15.75 10.82 0.38
CA ASN A 186 16.45 11.97 -0.18
C ASN A 186 16.29 13.19 0.73
N ALA A 187 16.90 14.31 0.35
CA ALA A 187 16.93 15.49 1.21
C ALA A 187 15.55 16.07 1.48
N GLY A 188 14.66 15.96 0.48
CA GLY A 188 13.31 16.46 0.62
C GLY A 188 12.50 15.68 1.65
N ALA A 189 12.60 14.36 1.61
CA ALA A 189 11.88 13.54 2.57
C ALA A 189 12.43 13.77 3.96
N LYS A 190 13.75 13.92 4.08
CA LYS A 190 14.37 14.13 5.38
C LYS A 190 13.98 15.49 5.98
N ALA A 191 13.93 16.51 5.15
CA ALA A 191 13.49 17.84 5.59
C ALA A 191 12.05 17.80 6.13
N GLY A 192 11.17 17.12 5.39
CA GLY A 192 9.78 17.00 5.81
C GLY A 192 9.62 16.27 7.13
N LEU A 193 10.24 15.10 7.25
CA LEU A 193 10.16 14.33 8.48
C LEU A 193 10.81 15.08 9.65
N THR A 194 11.94 15.73 9.37
CA THR A 194 12.65 16.49 10.41
C THR A 194 11.76 17.60 10.97
N PHE A 195 10.97 18.21 10.10
CA PHE A 195 10.06 19.26 10.57
C PHE A 195 9.02 18.66 11.52
N LEU A 196 8.49 17.50 11.15
CA LEU A 196 7.53 16.80 11.99
C LEU A 196 8.13 16.46 13.35
N VAL A 197 9.34 15.91 13.34
CA VAL A 197 10.02 15.52 14.57
C VAL A 197 10.30 16.74 15.46
N ASP A 198 10.70 17.85 14.83
CA ASP A 198 10.93 19.09 15.59
C ASP A 198 9.65 19.60 16.25
N LEU A 199 8.52 19.52 15.53
CA LEU A 199 7.23 19.88 16.11
C LEU A 199 7.00 19.09 17.40
N ILE A 200 7.37 17.82 17.37
CA ILE A 200 7.26 16.96 18.54
C ILE A 200 8.26 17.33 19.64
N LYS A 201 9.51 17.53 19.26
CA LYS A 201 10.55 17.91 20.23
C LYS A 201 10.19 19.22 20.93
N ASN A 202 9.54 20.11 20.21
CA ASN A 202 9.20 21.43 20.72
C ASN A 202 7.79 21.47 21.33
N LYS A 203 7.26 20.28 21.60
CA LYS A 203 5.98 20.12 22.29
C LYS A 203 4.79 20.75 21.58
N HIS A 204 4.81 20.73 20.25
CA HIS A 204 3.67 21.20 19.46
C HIS A 204 2.80 20.03 19.03
N MET A 205 3.39 18.84 19.04
CA MET A 205 2.65 17.60 18.81
C MET A 205 3.20 16.51 19.71
N ASN A 206 2.48 15.39 19.77
CA ASN A 206 2.82 14.26 20.62
C ASN A 206 2.98 13.00 19.77
N ALA A 207 4.11 12.30 19.93
CA ALA A 207 4.39 11.11 19.12
C ALA A 207 3.35 9.99 19.25
N ASP A 208 2.62 10.00 20.37
CA ASP A 208 1.64 8.95 20.64
C ASP A 208 0.29 9.19 19.96
N THR A 209 0.09 10.40 19.42
CA THR A 209 -1.20 10.75 18.83
C THR A 209 -1.60 9.82 17.69
N ASP A 210 -2.80 9.25 17.80
CA ASP A 210 -3.30 8.34 16.77
C ASP A 210 -4.60 8.87 16.18
N TYR A 211 -5.32 8.04 15.44
CA TYR A 211 -6.55 8.50 14.82
C TYR A 211 -7.62 8.91 15.85
N SER A 212 -7.90 8.04 16.81
CA SER A 212 -8.92 8.35 17.81
CA SER A 212 -8.92 8.34 17.82
C SER A 212 -8.59 9.60 18.61
N ILE A 213 -7.35 9.71 19.05
CA ILE A 213 -6.93 10.85 19.88
C ILE A 213 -7.05 12.18 19.13
N ALA A 214 -6.57 12.22 17.89
CA ALA A 214 -6.64 13.45 17.11
C ALA A 214 -8.08 13.84 16.80
N GLU A 215 -8.90 12.86 16.42
CA GLU A 215 -10.29 13.11 16.10
C GLU A 215 -11.04 13.65 17.31
N ALA A 216 -10.82 13.04 18.46
CA ALA A 216 -11.48 13.45 19.69
C ALA A 216 -11.08 14.88 20.06
N ALA A 217 -9.79 15.17 19.97
CA ALA A 217 -9.29 16.49 20.35
C ALA A 217 -9.86 17.57 19.43
N PHE A 218 -9.97 17.27 18.14
CA PHE A 218 -10.54 18.26 17.22
C PHE A 218 -12.03 18.43 17.46
N ASN A 219 -12.73 17.32 17.61
CA ASN A 219 -14.18 17.38 17.71
C ASN A 219 -14.64 17.91 19.06
N LYS A 220 -13.72 17.95 20.02
CA LYS A 220 -14.00 18.57 21.32
C LYS A 220 -13.52 20.01 21.37
N GLY A 221 -12.98 20.50 20.26
CA GLY A 221 -12.55 21.88 20.18
C GLY A 221 -11.26 22.19 20.92
N GLU A 222 -10.43 21.18 21.13
CA GLU A 222 -9.19 21.34 21.88
C GLU A 222 -8.03 21.76 20.98
N THR A 223 -8.07 21.27 19.74
CA THR A 223 -7.04 21.64 18.76
C THR A 223 -7.70 22.32 17.56
N ALA A 224 -7.00 23.28 16.98
CA ALA A 224 -7.58 24.14 15.96
C ALA A 224 -7.60 23.48 14.59
N MET A 225 -6.73 22.49 14.40
CA MET A 225 -6.61 21.82 13.11
C MET A 225 -6.41 20.33 13.23
N THR A 226 -6.83 19.62 12.20
CA THR A 226 -6.48 18.22 12.06
C THR A 226 -6.28 17.94 10.57
N ILE A 227 -5.72 16.78 10.27
CA ILE A 227 -5.57 16.38 8.87
C ILE A 227 -6.31 15.07 8.69
N ASN A 228 -7.24 15.04 7.75
CA ASN A 228 -8.07 13.85 7.58
C ASN A 228 -8.81 13.85 6.24
N GLY A 229 -9.54 12.77 5.98
CA GLY A 229 -10.27 12.60 4.74
C GLY A 229 -11.77 12.83 4.90
N PRO A 230 -12.52 12.71 3.79
CA PRO A 230 -13.97 12.95 3.78
C PRO A 230 -14.77 12.09 4.76
N TRP A 231 -14.31 10.87 5.03
CA TRP A 231 -14.99 9.96 5.95
C TRP A 231 -15.11 10.54 7.36
N ALA A 232 -14.22 11.47 7.67
CA ALA A 232 -14.16 12.04 9.02
C ALA A 232 -15.18 13.15 9.24
N TRP A 233 -15.78 13.65 8.16
CA TRP A 233 -16.63 14.83 8.27
C TRP A 233 -17.90 14.58 9.08
N SER A 234 -18.47 13.38 8.97
CA SER A 234 -19.72 13.07 9.66
CA SER A 234 -19.72 13.04 9.66
C SER A 234 -19.60 13.21 11.17
N ASN A 235 -18.50 12.73 11.73
CA ASN A 235 -18.31 12.86 13.16
C ASN A 235 -18.10 14.32 13.56
N ILE A 236 -17.51 15.11 12.68
CA ILE A 236 -17.34 16.53 12.97
C ILE A 236 -18.68 17.24 12.92
N ASP A 237 -19.51 16.85 11.95
CA ASP A 237 -20.89 17.35 11.88
C ASP A 237 -21.61 17.12 13.21
N THR A 238 -21.52 15.91 13.74
CA THR A 238 -22.19 15.57 15.00
C THR A 238 -21.69 16.43 16.16
N SER A 239 -20.38 16.66 16.23
CA SER A 239 -19.80 17.44 17.32
C SER A 239 -20.18 18.92 17.29
N LYS A 240 -20.74 19.37 16.17
CA LYS A 240 -21.15 20.77 15.97
C LYS A 240 -20.02 21.79 16.01
N VAL A 241 -18.78 21.35 15.88
CA VAL A 241 -17.66 22.27 15.69
C VAL A 241 -17.83 23.01 14.36
N ASN A 242 -17.57 24.32 14.35
CA ASN A 242 -17.65 25.10 13.13
C ASN A 242 -16.38 24.93 12.29
N TYR A 243 -16.39 23.95 11.38
CA TYR A 243 -15.17 23.58 10.67
C TYR A 243 -15.17 23.96 9.19
N GLY A 244 -13.97 24.12 8.67
CA GLY A 244 -13.75 24.36 7.25
C GLY A 244 -12.78 23.33 6.71
N VAL A 245 -12.84 23.08 5.41
CA VAL A 245 -11.95 22.12 4.77
C VAL A 245 -11.15 22.88 3.72
N THR A 246 -9.82 22.81 3.78
CA THR A 246 -9.03 23.70 2.93
C THR A 246 -7.72 23.06 2.46
N VAL A 247 -6.94 23.82 1.71
CA VAL A 247 -5.69 23.32 1.17
C VAL A 247 -4.69 23.05 2.31
N LEU A 248 -3.91 21.99 2.17
CA LEU A 248 -2.88 21.68 3.16
C LEU A 248 -1.80 22.76 3.12
N PRO A 249 -1.13 22.99 4.26
CA PRO A 249 -0.07 24.01 4.28
C PRO A 249 1.08 23.64 3.36
N THR A 250 1.77 24.65 2.85
CA THR A 250 2.97 24.41 2.06
C THR A 250 4.17 24.20 2.97
N PHE A 251 5.19 23.54 2.44
CA PHE A 251 6.43 23.38 3.17
C PHE A 251 7.57 23.81 2.26
N LYS A 252 8.40 24.72 2.77
CA LYS A 252 9.48 25.31 2.00
C LYS A 252 8.94 25.89 0.68
N GLY A 253 7.73 26.45 0.75
CA GLY A 253 7.11 27.10 -0.39
C GLY A 253 6.47 26.16 -1.39
N GLN A 254 6.50 24.87 -1.09
CA GLN A 254 5.97 23.85 -1.98
C GLN A 254 4.73 23.19 -1.39
N PRO A 255 3.75 22.85 -2.25
CA PRO A 255 2.51 22.27 -1.73
C PRO A 255 2.73 20.91 -1.08
N SER A 256 1.98 20.63 -0.02
CA SER A 256 1.94 19.29 0.52
C SER A 256 1.26 18.41 -0.53
N LYS A 257 1.80 17.22 -0.72
CA LYS A 257 1.34 16.35 -1.80
C LYS A 257 0.83 15.03 -1.23
N PRO A 258 -0.48 14.96 -0.92
CA PRO A 258 -1.05 13.73 -0.35
C PRO A 258 -1.07 12.60 -1.36
N PHE A 259 -0.78 11.38 -0.92
CA PHE A 259 -1.02 10.24 -1.79
C PHE A 259 -2.52 10.07 -1.93
N VAL A 260 -3.01 10.05 -3.17
CA VAL A 260 -4.45 10.00 -3.42
C VAL A 260 -4.93 8.56 -3.60
N GLY A 261 -5.96 8.18 -2.85
CA GLY A 261 -6.47 6.83 -2.95
C GLY A 261 -7.84 6.75 -3.60
N VAL A 262 -8.09 5.66 -4.31
CA VAL A 262 -9.42 5.41 -4.82
C VAL A 262 -10.02 4.25 -4.07
N LEU A 263 -11.02 4.52 -3.23
CA LEU A 263 -11.77 3.45 -2.60
C LEU A 263 -12.29 2.54 -3.69
N SER A 264 -11.98 1.25 -3.60
CA SER A 264 -12.33 0.31 -4.64
C SER A 264 -12.90 -0.97 -4.04
N ALA A 265 -13.63 -1.73 -4.85
CA ALA A 265 -14.24 -2.98 -4.42
C ALA A 265 -13.80 -4.13 -5.31
N GLY A 266 -13.12 -5.11 -4.70
CA GLY A 266 -12.66 -6.26 -5.43
C GLY A 266 -13.51 -7.48 -5.14
N ILE A 267 -13.47 -8.44 -6.06
CA ILE A 267 -14.19 -9.69 -5.89
C ILE A 267 -13.19 -10.80 -5.65
N ASN A 268 -13.35 -11.50 -4.53
CA ASN A 268 -12.50 -12.63 -4.16
C ASN A 268 -12.45 -13.68 -5.27
N ALA A 269 -11.24 -14.07 -5.65
CA ALA A 269 -11.05 -15.10 -6.68
C ALA A 269 -11.74 -16.40 -6.28
N ALA A 270 -11.82 -16.67 -4.98
CA ALA A 270 -12.39 -17.91 -4.48
C ALA A 270 -13.91 -17.85 -4.29
N SER A 271 -14.51 -16.70 -4.53
CA SER A 271 -15.96 -16.56 -4.36
C SER A 271 -16.73 -17.34 -5.41
N PRO A 272 -17.76 -18.09 -4.99
CA PRO A 272 -18.65 -18.77 -5.92
C PRO A 272 -19.80 -17.85 -6.32
N ASN A 273 -19.74 -16.61 -5.86
CA ASN A 273 -20.82 -15.65 -6.02
C ASN A 273 -20.42 -14.44 -6.86
N LYS A 274 -19.54 -14.66 -7.83
CA LYS A 274 -18.98 -13.54 -8.57
C LYS A 274 -20.05 -12.81 -9.37
N GLU A 275 -21.01 -13.56 -9.91
CA GLU A 275 -22.11 -12.94 -10.64
C GLU A 275 -23.01 -12.13 -9.71
N LEU A 276 -23.31 -12.67 -8.52
CA LEU A 276 -24.06 -11.92 -7.52
C LEU A 276 -23.34 -10.64 -7.11
N ALA A 277 -22.03 -10.74 -6.89
CA ALA A 277 -21.23 -9.59 -6.49
C ALA A 277 -21.24 -8.50 -7.55
N LYS A 278 -21.13 -8.92 -8.81
CA LYS A 278 -21.17 -8.00 -9.94
C LYS A 278 -22.50 -7.23 -9.96
N GLU A 279 -23.59 -7.96 -9.76
CA GLU A 279 -24.92 -7.38 -9.75
C GLU A 279 -25.06 -6.36 -8.63
N PHE A 280 -24.60 -6.74 -7.44
CA PHE A 280 -24.67 -5.86 -6.29
C PHE A 280 -23.88 -4.58 -6.51
N LEU A 281 -22.63 -4.72 -6.96
CA LEU A 281 -21.76 -3.56 -7.10
C LEU A 281 -22.20 -2.64 -8.24
N GLU A 282 -22.52 -3.21 -9.39
CA GLU A 282 -22.86 -2.41 -10.56
C GLU A 282 -24.24 -1.77 -10.46
N ASN A 283 -25.23 -2.54 -10.03
CA ASN A 283 -26.62 -2.10 -10.14
C ASN A 283 -27.29 -1.74 -8.81
N TYR A 284 -26.54 -1.85 -7.72
CA TYR A 284 -27.05 -1.40 -6.43
C TYR A 284 -26.12 -0.36 -5.81
N LEU A 285 -24.85 -0.71 -5.61
CA LEU A 285 -23.93 0.23 -4.97
C LEU A 285 -23.55 1.40 -5.88
N LEU A 286 -23.10 1.10 -7.09
CA LEU A 286 -22.60 2.15 -7.97
C LEU A 286 -23.73 2.82 -8.75
N THR A 287 -24.71 3.30 -8.01
CA THR A 287 -25.80 4.11 -8.54
C THR A 287 -25.93 5.35 -7.67
N ASP A 288 -26.76 6.30 -8.11
CA ASP A 288 -26.97 7.52 -7.35
C ASP A 288 -27.47 7.23 -5.93
N GLU A 289 -28.44 6.32 -5.82
CA GLU A 289 -29.05 6.03 -4.53
C GLU A 289 -28.15 5.17 -3.66
N GLY A 290 -27.39 4.28 -4.29
CA GLY A 290 -26.46 3.43 -3.57
C GLY A 290 -25.34 4.24 -2.94
N LEU A 291 -24.70 5.09 -3.74
CA LEU A 291 -23.60 5.91 -3.26
C LEU A 291 -24.09 6.94 -2.25
N GLU A 292 -25.30 7.45 -2.45
CA GLU A 292 -25.88 8.38 -1.49
C GLU A 292 -26.05 7.73 -0.12
N ALA A 293 -26.52 6.49 -0.12
CA ALA A 293 -26.75 5.75 1.12
C ALA A 293 -25.46 5.59 1.93
N VAL A 294 -24.36 5.29 1.23
CA VAL A 294 -23.07 5.19 1.91
C VAL A 294 -22.54 6.57 2.27
N ASN A 295 -22.65 7.51 1.33
CA ASN A 295 -22.14 8.86 1.54
C ASN A 295 -22.80 9.57 2.72
N LYS A 296 -24.09 9.29 2.93
CA LYS A 296 -24.84 9.90 4.02
C LYS A 296 -24.43 9.32 5.37
N ASP A 297 -23.81 8.14 5.34
CA ASP A 297 -23.25 7.55 6.56
C ASP A 297 -21.90 8.19 6.85
N LYS A 298 -20.94 7.93 5.95
CA LYS A 298 -19.64 8.59 6.00
C LYS A 298 -19.31 9.03 4.58
N PRO A 299 -18.97 10.32 4.40
CA PRO A 299 -18.68 10.87 3.07
C PRO A 299 -17.56 10.12 2.35
N LEU A 300 -17.81 9.77 1.10
CA LEU A 300 -16.89 8.97 0.28
C LEU A 300 -15.77 9.81 -0.34
N GLY A 301 -16.03 11.10 -0.50
CA GLY A 301 -15.14 11.95 -1.27
C GLY A 301 -15.72 12.19 -2.64
N ALA A 302 -14.86 12.30 -3.65
CA ALA A 302 -15.32 12.51 -5.01
C ALA A 302 -15.57 11.17 -5.69
N VAL A 303 -16.84 10.83 -5.86
CA VAL A 303 -17.20 9.49 -6.30
C VAL A 303 -16.85 9.23 -7.76
N ALA A 304 -16.64 7.96 -8.09
CA ALA A 304 -16.26 7.56 -9.43
C ALA A 304 -17.43 7.69 -10.41
N LEU A 305 -18.65 7.61 -9.91
CA LEU A 305 -19.83 7.68 -10.78
C LEU A 305 -20.08 9.11 -11.25
N LYS A 306 -20.00 9.31 -12.57
CA LYS A 306 -20.12 10.65 -13.16
C LYS A 306 -21.39 11.39 -12.73
N SER A 307 -22.51 10.72 -12.81
CA SER A 307 -23.81 11.33 -12.50
C SER A 307 -23.87 11.89 -11.08
N TYR A 308 -23.47 11.08 -10.11
CA TYR A 308 -23.58 11.48 -8.71
C TYR A 308 -22.49 12.47 -8.30
N GLU A 309 -21.34 12.40 -8.96
CA GLU A 309 -20.25 13.33 -8.65
C GLU A 309 -20.59 14.73 -9.10
N GLU A 310 -21.38 14.84 -10.16
CA GLU A 310 -21.83 16.13 -10.69
C GLU A 310 -22.54 16.95 -9.61
N GLU A 311 -23.20 16.26 -8.69
CA GLU A 311 -23.85 16.93 -7.56
C GLU A 311 -22.86 17.17 -6.42
N LEU A 312 -22.07 16.16 -6.09
CA LEU A 312 -21.14 16.29 -4.96
C LEU A 312 -20.06 17.33 -5.22
N ALA A 313 -19.75 17.58 -6.48
CA ALA A 313 -18.68 18.50 -6.87
C ALA A 313 -18.96 19.93 -6.42
N LYS A 314 -20.23 20.25 -6.19
CA LYS A 314 -20.63 21.57 -5.76
C LYS A 314 -20.27 21.84 -4.30
N ASP A 315 -20.02 20.77 -3.54
CA ASP A 315 -19.68 20.88 -2.13
C ASP A 315 -18.25 21.41 -1.98
N PRO A 316 -18.10 22.58 -1.35
CA PRO A 316 -16.78 23.20 -1.15
C PRO A 316 -15.79 22.30 -0.45
N ARG A 317 -16.28 21.35 0.35
CA ARG A 317 -15.41 20.38 1.01
C ARG A 317 -14.81 19.44 -0.02
N ILE A 318 -15.62 19.06 -1.00
CA ILE A 318 -15.17 18.22 -2.11
C ILE A 318 -14.20 18.99 -3.00
N ALA A 319 -14.55 20.23 -3.32
CA ALA A 319 -13.65 21.08 -4.11
C ALA A 319 -12.29 21.17 -3.44
N ALA A 320 -12.28 21.40 -2.12
CA ALA A 320 -11.05 21.41 -1.35
C ALA A 320 -10.33 20.06 -1.40
N THR A 321 -11.10 18.98 -1.33
CA THR A 321 -10.55 17.63 -1.43
C THR A 321 -9.82 17.44 -2.76
N MET A 322 -10.44 17.91 -3.84
CA MET A 322 -9.86 17.72 -5.16
C MET A 322 -8.71 18.69 -5.42
N GLU A 323 -8.74 19.85 -4.78
CA GLU A 323 -7.61 20.77 -4.82
C GLU A 323 -6.37 20.09 -4.25
N ASN A 324 -6.50 19.50 -3.06
CA ASN A 324 -5.38 18.77 -2.47
C ASN A 324 -5.00 17.56 -3.31
N ALA A 325 -5.99 16.88 -3.87
CA ALA A 325 -5.74 15.73 -4.72
C ALA A 325 -4.88 16.10 -5.93
N GLN A 326 -5.19 17.24 -6.55
CA GLN A 326 -4.47 17.65 -7.75
C GLN A 326 -3.02 18.05 -7.46
N LYS A 327 -2.76 18.41 -6.21
CA LYS A 327 -1.40 18.76 -5.80
C LYS A 327 -0.62 17.51 -5.36
N GLY A 328 -1.34 16.43 -5.10
CA GLY A 328 -0.74 15.16 -4.74
C GLY A 328 -0.70 14.22 -5.93
N GLU A 329 -0.58 12.93 -5.66
CA GLU A 329 -0.49 11.94 -6.74
C GLU A 329 -1.34 10.72 -6.45
N ILE A 330 -1.95 10.15 -7.48
CA ILE A 330 -2.62 8.87 -7.35
C ILE A 330 -1.59 7.82 -6.97
N MET A 331 -1.88 7.04 -5.93
CA MET A 331 -0.98 5.99 -5.48
C MET A 331 -0.71 4.96 -6.56
N PRO A 332 0.51 4.40 -6.57
CA PRO A 332 0.77 3.21 -7.40
C PRO A 332 0.00 2.03 -6.84
N ASN A 333 -0.19 0.98 -7.64
CA ASN A 333 -0.79 -0.24 -7.11
C ASN A 333 0.13 -1.44 -7.30
N ILE A 334 1.41 -1.16 -7.52
CA ILE A 334 2.42 -2.21 -7.65
C ILE A 334 2.41 -3.08 -6.40
N PRO A 335 2.80 -4.37 -6.54
CA PRO A 335 2.71 -5.32 -5.42
C PRO A 335 3.48 -4.91 -4.16
N GLN A 336 4.55 -4.13 -4.28
CA GLN A 336 5.30 -3.80 -3.09
C GLN A 336 4.85 -2.50 -2.42
N MET A 337 3.63 -2.06 -2.71
CA MET A 337 3.10 -0.89 -2.01
C MET A 337 2.97 -1.18 -0.53
N SER A 338 2.59 -2.41 -0.20
CA SER A 338 2.46 -2.81 1.20
C SER A 338 3.79 -2.71 1.93
N ALA A 339 4.85 -3.21 1.29
CA ALA A 339 6.19 -3.15 1.88
C ALA A 339 6.65 -1.70 2.02
N PHE A 340 6.31 -0.89 1.03
CA PHE A 340 6.62 0.54 1.09
C PHE A 340 5.95 1.17 2.30
N TRP A 341 4.64 0.96 2.45
CA TRP A 341 3.90 1.58 3.54
C TRP A 341 4.40 1.08 4.91
N TYR A 342 4.74 -0.20 5.00
CA TYR A 342 5.27 -0.71 6.27
C TYR A 342 6.59 -0.04 6.62
N ALA A 343 7.46 0.09 5.62
CA ALA A 343 8.77 0.69 5.82
C ALA A 343 8.64 2.12 6.32
N VAL A 344 7.80 2.90 5.66
CA VAL A 344 7.63 4.31 6.00
C VAL A 344 6.87 4.48 7.31
N ARG A 345 5.89 3.62 7.57
CA ARG A 345 5.20 3.61 8.87
C ARG A 345 6.19 3.48 10.02
N THR A 346 7.11 2.53 9.90
CA THR A 346 8.10 2.29 10.93
C THR A 346 9.07 3.48 11.04
N ALA A 347 9.41 4.06 9.90
CA ALA A 347 10.34 5.18 9.89
C ALA A 347 9.76 6.38 10.62
N VAL A 348 8.49 6.68 10.35
CA VAL A 348 7.83 7.82 10.98
C VAL A 348 7.69 7.63 12.49
N ILE A 349 7.24 6.44 12.89
CA ILE A 349 7.06 6.14 14.31
C ILE A 349 8.40 6.17 15.06
N ASN A 350 9.42 5.56 14.47
CA ASN A 350 10.74 5.56 15.10
C ASN A 350 11.38 6.94 15.20
N ALA A 351 11.25 7.74 14.16
CA ALA A 351 11.78 9.10 14.19
C ALA A 351 11.04 9.94 15.22
N ALA A 352 9.71 9.80 15.23
CA ALA A 352 8.86 10.58 16.13
C ALA A 352 9.12 10.26 17.61
N SER A 353 9.41 8.99 17.90
CA SER A 353 9.64 8.58 19.28
C SER A 353 11.10 8.75 19.70
N GLY A 354 11.98 9.01 18.73
CA GLY A 354 13.40 9.15 19.03
C GLY A 354 14.16 7.84 19.02
N ARG A 355 13.48 6.76 18.63
CA ARG A 355 14.12 5.45 18.61
C ARG A 355 15.21 5.42 17.54
N GLN A 356 14.94 6.09 16.43
CA GLN A 356 15.94 6.34 15.40
C GLN A 356 16.01 7.83 15.09
N THR A 357 17.17 8.28 14.61
CA THR A 357 17.26 9.60 14.00
C THR A 357 16.47 9.58 12.70
N VAL A 358 16.06 10.75 12.24
CA VAL A 358 15.34 10.86 10.96
C VAL A 358 16.11 10.22 9.82
N ASP A 359 17.39 10.55 9.72
CA ASP A 359 18.27 10.03 8.67
C ASP A 359 18.35 8.51 8.65
N GLU A 360 18.56 7.91 9.82
CA GLU A 360 18.69 6.47 9.90
C GLU A 360 17.35 5.77 9.68
N ALA A 361 16.27 6.41 10.15
CA ALA A 361 14.93 5.88 9.96
C ALA A 361 14.57 5.82 8.48
N LEU A 362 14.80 6.94 7.77
CA LEU A 362 14.47 7.01 6.35
C LEU A 362 15.40 6.15 5.51
N LYS A 363 16.66 6.01 5.94
CA LYS A 363 17.57 5.08 5.28
C LYS A 363 16.98 3.66 5.28
N ASP A 364 16.48 3.23 6.43
CA ASP A 364 15.88 1.89 6.54
C ASP A 364 14.64 1.76 5.67
N ALA A 365 13.85 2.81 5.62
CA ALA A 365 12.62 2.79 4.83
C ALA A 365 12.95 2.75 3.33
N GLN A 366 14.02 3.44 2.93
CA GLN A 366 14.51 3.37 1.55
C GLN A 366 14.87 1.94 1.18
N THR A 367 15.64 1.30 2.05
CA THR A 367 16.09 -0.06 1.84
C THR A 367 14.89 -1.02 1.79
N GLY A 368 13.97 -0.84 2.73
CA GLY A 368 12.76 -1.65 2.76
C GLY A 368 11.92 -1.51 1.52
N SER A 369 11.78 -0.27 1.05
CA SER A 369 10.97 0.03 -0.12
C SER A 369 11.61 -0.52 -1.40
N GLU A 370 12.93 -0.50 -1.46
CA GLU A 370 13.66 -0.96 -2.66
C GLU A 370 13.90 -2.46 -2.66
N LEU A 371 13.59 -3.11 -1.55
CA LEU A 371 14.04 -4.48 -1.33
C LEU A 371 13.56 -5.46 -2.39
N TYR A 372 12.28 -5.40 -2.74
CA TYR A 372 11.77 -6.35 -3.73
C TYR A 372 12.46 -6.18 -5.08
N ARG A 373 12.44 -4.97 -5.61
CA ARG A 373 12.99 -4.72 -6.93
C ARG A 373 14.49 -5.00 -6.99
N GLN A 374 15.21 -4.58 -5.95
CA GLN A 374 16.65 -4.83 -5.87
C GLN A 374 16.96 -6.33 -5.84
N SER A 375 16.23 -7.06 -5.01
CA SER A 375 16.42 -8.50 -4.89
C SER A 375 16.06 -9.21 -6.20
N LEU A 376 15.01 -8.75 -6.86
CA LEU A 376 14.57 -9.37 -8.10
C LEU A 376 15.61 -9.18 -9.19
N GLU A 377 16.19 -7.98 -9.24
CA GLU A 377 17.21 -7.68 -10.24
C GLU A 377 18.39 -8.65 -10.16
N ILE A 378 18.86 -8.85 -8.94
CA ILE A 378 19.98 -9.75 -8.67
C ILE A 378 19.63 -11.20 -8.97
N ILE A 379 18.52 -11.65 -8.41
CA ILE A 379 18.12 -13.04 -8.51
C ILE A 379 17.72 -13.44 -9.95
N SER A 380 16.97 -12.57 -10.61
CA SER A 380 16.58 -12.82 -12.01
C SER A 380 17.80 -12.92 -12.90
N ARG A 381 18.70 -11.95 -12.76
CA ARG A 381 19.92 -11.95 -13.57
C ARG A 381 20.74 -13.20 -13.28
N TYR A 382 20.86 -13.57 -12.00
CA TYR A 382 21.67 -14.74 -11.68
C TYR A 382 21.05 -16.03 -12.22
N LEU A 383 19.76 -16.22 -11.98
CA LEU A 383 19.09 -17.41 -12.49
C LEU A 383 19.16 -17.49 -14.02
N ARG A 384 18.96 -16.35 -14.68
CA ARG A 384 18.99 -16.35 -16.14
C ARG A 384 20.35 -16.67 -16.72
N GLU A 385 21.40 -16.07 -16.16
CA GLU A 385 22.74 -16.28 -16.71
C GLU A 385 23.22 -17.69 -16.36
N GLN A 386 22.76 -18.22 -15.24
CA GLN A 386 23.11 -19.58 -14.86
C GLN A 386 22.45 -20.58 -15.81
N ALA A 387 21.19 -20.33 -16.14
CA ALA A 387 20.45 -21.23 -17.03
C ALA A 387 21.02 -21.20 -18.46
N THR A 388 21.32 -20.02 -18.96
CA THR A 388 21.75 -19.90 -20.35
C THR A 388 23.27 -19.98 -20.54
N GLY A 389 24.02 -19.80 -19.46
CA GLY A 389 25.47 -19.84 -19.53
C GLY A 389 26.11 -18.53 -19.98
N ALA A 390 25.30 -17.49 -20.14
CA ALA A 390 25.80 -16.19 -20.56
C ALA A 390 25.07 -15.07 -19.83
N ALA A 391 25.81 -14.02 -19.48
CA ALA A 391 25.26 -12.89 -18.74
C ALA A 391 24.34 -12.03 -19.60
N ASP A 392 23.54 -11.19 -18.94
CA ASP A 392 22.68 -10.22 -19.60
C ASP A 392 23.46 -8.94 -19.89
N THR A 393 23.52 -8.55 -21.16
CA THR A 393 24.33 -7.40 -21.57
C THR A 393 23.65 -6.04 -21.32
N ALA A 394 22.48 -6.06 -20.69
CA ALA A 394 21.73 -4.82 -20.44
C ALA A 394 22.26 -4.06 -19.22
N PRO A 395 22.19 -2.71 -19.27
CA PRO A 395 22.60 -1.85 -18.16
C PRO A 395 21.84 -2.12 -16.86
N MET A 396 22.53 -1.98 -15.73
CA MET A 396 21.95 -2.24 -14.42
C MET A 396 20.95 -1.18 -13.98
N GLY A 397 21.31 0.09 -14.13
CA GLY A 397 20.51 1.17 -13.59
C GLY A 397 21.09 1.61 -12.25
N ALA A 398 20.23 1.88 -11.27
CA ALA A 398 20.67 2.28 -9.95
C ALA A 398 20.64 1.11 -8.96
N GLY A 400 21.80 0.73 -8.44
CA GLY A 400 23.07 1.35 -8.81
C GLY A 400 24.22 0.37 -8.76
N ALA A 401 25.21 0.67 -7.92
CA ALA A 401 26.37 -0.21 -7.78
C ALA A 401 26.06 -1.42 -6.91
N THR A 402 24.97 -1.33 -6.15
CA THR A 402 24.57 -2.42 -5.25
C THR A 402 24.27 -3.69 -6.04
N SER A 403 23.49 -3.55 -7.10
CA SER A 403 23.15 -4.70 -7.95
C SER A 403 24.36 -5.39 -8.53
N ARG A 404 25.26 -4.61 -9.12
CA ARG A 404 26.45 -5.14 -9.76
C ARG A 404 27.33 -5.88 -8.77
N LYS A 405 27.57 -5.27 -7.62
CA LYS A 405 28.43 -5.86 -6.60
C LYS A 405 27.81 -7.10 -5.95
N ALA A 406 26.50 -7.06 -5.70
CA ALA A 406 25.81 -8.20 -5.15
C ALA A 406 25.85 -9.38 -6.11
N LEU A 407 25.65 -9.10 -7.40
CA LEU A 407 25.70 -10.16 -8.41
C LEU A 407 27.10 -10.75 -8.52
N GLU A 408 28.12 -9.89 -8.48
CA GLU A 408 29.52 -10.34 -8.48
C GLU A 408 29.78 -11.26 -7.29
N THR A 409 29.30 -10.84 -6.13
CA THR A 409 29.48 -11.61 -4.92
C THR A 409 28.74 -12.95 -5.01
N LEU A 410 27.51 -12.90 -5.52
CA LEU A 410 26.69 -14.10 -5.65
C LEU A 410 27.32 -15.11 -6.60
N ARG A 411 27.82 -14.64 -7.72
CA ARG A 411 28.52 -15.51 -8.66
C ARG A 411 29.70 -16.21 -8.00
N ARG A 412 30.47 -15.44 -7.23
CA ARG A 412 31.69 -15.96 -6.61
C ARG A 412 31.38 -16.99 -5.54
N VAL A 413 30.48 -16.63 -4.62
CA VAL A 413 30.10 -17.53 -3.53
C VAL A 413 29.18 -18.64 -4.03
N GLY A 414 28.29 -18.31 -4.97
CA GLY A 414 27.33 -19.26 -5.48
C GLY A 414 27.96 -20.42 -6.23
N ASP A 415 29.15 -20.19 -6.77
CA ASP A 415 29.85 -21.22 -7.52
C ASP A 415 30.21 -22.40 -6.61
N GLY A 416 30.78 -22.09 -5.45
CA GLY A 416 31.13 -23.12 -4.49
C GLY A 416 29.89 -23.78 -3.88
N VAL A 417 28.88 -22.98 -3.57
CA VAL A 417 27.65 -23.52 -3.01
C VAL A 417 27.01 -24.51 -3.99
N GLN A 418 26.99 -24.17 -5.27
CA GLN A 418 26.35 -25.06 -6.24
C GLN A 418 27.16 -26.34 -6.47
N ARG A 419 28.48 -26.23 -6.42
CA ARG A 419 29.31 -27.41 -6.55
C ARG A 419 29.08 -28.36 -5.36
N ASN A 420 29.12 -27.81 -4.16
CA ASN A 420 29.00 -28.64 -2.95
C ASN A 420 27.59 -29.21 -2.77
N HIS A 421 26.59 -28.48 -3.26
CA HIS A 421 25.20 -28.88 -3.05
C HIS A 421 24.56 -29.56 -4.27
N GLU A 422 25.35 -29.86 -5.29
CA GLU A 422 24.81 -30.41 -6.53
C GLU A 422 23.99 -31.68 -6.28
N THR A 423 24.54 -32.60 -5.51
CA THR A 423 23.84 -33.86 -5.20
C THR A 423 22.54 -33.59 -4.45
N ALA A 424 22.61 -32.72 -3.45
CA ALA A 424 21.42 -32.30 -2.71
C ALA A 424 20.37 -31.69 -3.61
N PHE A 425 20.81 -30.79 -4.50
CA PHE A 425 19.89 -30.08 -5.40
C PHE A 425 19.21 -31.04 -6.36
N GLN A 426 19.98 -31.99 -6.86
CA GLN A 426 19.46 -33.01 -7.76
C GLN A 426 18.36 -33.80 -7.07
N GLY A 427 18.61 -34.22 -5.84
CA GLY A 427 17.63 -34.96 -5.06
C GLY A 427 16.36 -34.17 -4.78
N MET A 428 16.51 -32.90 -4.45
CA MET A 428 15.34 -32.06 -4.15
C MET A 428 14.53 -31.76 -5.42
N LEU A 429 15.22 -31.46 -6.51
CA LEU A 429 14.55 -31.25 -7.79
C LEU A 429 13.74 -32.48 -8.17
N ARG A 430 14.31 -33.66 -7.98
CA ARG A 430 13.63 -34.90 -8.31
C ARG A 430 12.47 -35.17 -7.35
N LYS A 431 12.66 -34.83 -6.07
CA LYS A 431 11.62 -35.03 -5.06
C LYS A 431 10.40 -34.20 -5.39
N LEU A 432 10.61 -32.90 -5.58
CA LEU A 432 9.59 -32.05 -6.15
C LEU A 432 9.48 -32.41 -7.63
N ASP A 433 8.57 -31.81 -8.36
CA ASP A 433 8.57 -32.05 -9.80
C ASP A 433 8.31 -30.77 -10.55
N ILE A 434 9.30 -29.88 -10.52
CA ILE A 434 9.18 -28.58 -11.13
C ILE A 434 9.35 -28.71 -12.66
N LYS A 435 8.23 -28.77 -13.36
CA LYS A 435 8.23 -29.04 -14.79
C LYS A 435 7.56 -27.91 -15.58
N ASN A 436 6.85 -27.05 -14.87
CA ASN A 436 6.09 -25.96 -15.49
C ASN A 436 5.81 -24.85 -14.47
N GLU A 437 5.07 -23.83 -14.89
CA GLU A 437 4.91 -22.65 -14.04
C GLU A 437 3.96 -22.90 -12.87
N ASP A 438 3.08 -23.89 -13.00
CA ASP A 438 2.19 -24.21 -11.90
C ASP A 438 2.95 -24.88 -10.76
N ASP A 439 4.04 -25.56 -11.11
CA ASP A 439 4.90 -26.19 -10.10
C ASP A 439 5.70 -25.16 -9.32
N VAL A 440 5.93 -24.00 -9.90
CA VAL A 440 6.67 -22.93 -9.24
C VAL A 440 5.87 -22.38 -8.06
N LYS A 441 4.57 -22.25 -8.24
CA LYS A 441 3.69 -21.78 -7.17
C LYS A 441 3.74 -22.71 -5.96
N SER A 442 3.70 -24.01 -6.24
CA SER A 442 3.74 -25.03 -5.19
C SER A 442 5.02 -24.95 -4.37
N LEU A 443 6.12 -24.60 -5.04
CA LEU A 443 7.41 -24.47 -4.38
C LEU A 443 7.40 -23.30 -3.41
N SER A 444 6.74 -22.21 -3.80
CA SER A 444 6.65 -21.02 -2.97
C SER A 444 6.00 -21.31 -1.61
N ARG A 445 4.86 -22.01 -1.65
CA ARG A 445 4.17 -22.40 -0.42
C ARG A 445 5.07 -23.25 0.45
N VAL A 446 5.82 -24.16 -0.19
CA VAL A 446 6.79 -24.98 0.53
C VAL A 446 7.85 -24.11 1.18
N MET A 447 8.40 -23.18 0.41
CA MET A 447 9.49 -22.33 0.89
C MET A 447 9.06 -21.41 2.02
N ILE A 448 7.85 -20.87 1.93
CA ILE A 448 7.34 -19.97 2.95
C ILE A 448 7.29 -20.67 4.31
N HIS A 449 6.84 -21.93 4.30
CA HIS A 449 6.78 -22.73 5.52
C HIS A 449 8.16 -22.99 6.11
N VAL A 450 9.11 -23.39 5.26
CA VAL A 450 10.45 -23.74 5.71
C VAL A 450 11.25 -22.52 6.20
N PHE A 451 11.10 -21.39 5.52
CA PHE A 451 11.98 -20.25 5.75
C PHE A 451 11.53 -19.35 6.91
N SER A 452 10.43 -19.72 7.56
CA SER A 452 10.00 -19.00 8.75
C SER A 452 10.68 -19.62 9.97
N ASP A 453 11.31 -20.78 9.77
CA ASP A 453 12.01 -21.48 10.84
C ASP A 453 13.42 -20.93 11.05
N GLY A 454 13.80 -19.95 10.22
CA GLY A 454 15.07 -19.27 10.39
C GLY A 454 15.05 -18.30 11.56
N VAL A 455 16.19 -17.96 12.18
CA VAL A 455 17.58 -18.34 11.85
C VAL A 455 17.99 -17.95 10.42
N THR A 456 18.42 -16.71 10.27
CA THR A 456 18.80 -16.21 8.95
C THR A 456 20.29 -15.87 8.88
N ASN A 457 20.94 -16.29 7.80
CA ASN A 457 22.25 -15.76 7.48
C ASN A 457 22.40 -15.72 5.96
N TRP A 458 23.46 -15.09 5.48
CA TRP A 458 23.62 -14.94 4.03
C TRP A 458 23.93 -16.27 3.34
N GLY A 459 24.53 -17.20 4.06
CA GLY A 459 24.83 -18.51 3.51
C GLY A 459 23.57 -19.27 3.11
N ARG A 460 22.55 -19.21 3.95
CA ARG A 460 21.28 -19.86 3.66
C ARG A 460 20.60 -19.22 2.46
N ILE A 461 20.69 -17.90 2.39
CA ILE A 461 20.11 -17.15 1.29
C ILE A 461 20.82 -17.50 -0.02
N VAL A 462 22.13 -17.67 0.05
CA VAL A 462 22.89 -18.06 -1.13
C VAL A 462 22.50 -19.47 -1.58
N THR A 463 22.23 -20.35 -0.60
CA THR A 463 21.87 -21.72 -0.93
C THR A 463 20.50 -21.77 -1.61
N LEU A 464 19.57 -20.97 -1.11
CA LEU A 464 18.25 -20.84 -1.73
C LEU A 464 18.33 -20.32 -3.18
N ILE A 465 19.08 -19.25 -3.38
CA ILE A 465 19.19 -18.67 -4.70
C ILE A 465 19.94 -19.62 -5.64
N SER A 466 20.93 -20.33 -5.07
CA SER A 466 21.66 -21.34 -5.84
C SER A 466 20.76 -22.49 -6.26
N PHE A 467 19.84 -22.88 -5.39
CA PHE A 467 18.89 -23.92 -5.78
C PHE A 467 18.00 -23.39 -6.90
N GLY A 468 17.62 -22.13 -6.79
CA GLY A 468 16.89 -21.45 -7.85
C GLY A 468 17.60 -21.51 -9.18
N ALA A 469 18.91 -21.23 -9.18
CA ALA A 469 19.70 -21.29 -10.41
C ALA A 469 19.75 -22.72 -10.93
N PHE A 470 19.89 -23.68 -10.02
CA PHE A 470 19.89 -25.09 -10.39
C PHE A 470 18.59 -25.47 -11.10
N VAL A 471 17.47 -25.06 -10.52
CA VAL A 471 16.17 -25.32 -11.11
C VAL A 471 16.00 -24.58 -12.44
N ALA A 472 16.49 -23.34 -12.50
CA ALA A 472 16.45 -22.55 -13.72
C ALA A 472 17.16 -23.25 -14.88
N LYS A 473 18.33 -23.80 -14.60
CA LYS A 473 19.08 -24.57 -15.59
C LYS A 473 18.25 -25.74 -16.11
N HIS A 474 17.61 -26.45 -15.20
CA HIS A 474 16.77 -27.59 -15.56
C HIS A 474 15.61 -27.17 -16.44
N LEU A 475 14.98 -26.05 -16.09
CA LEU A 475 13.85 -25.54 -16.86
C LEU A 475 14.26 -25.15 -18.29
N LYS A 476 15.45 -24.57 -18.45
CA LYS A 476 15.94 -24.28 -19.80
C LYS A 476 16.17 -25.57 -20.56
N THR A 477 16.74 -26.56 -19.89
CA THR A 477 17.08 -27.85 -20.50
C THR A 477 15.84 -28.56 -21.07
N ILE A 478 14.72 -28.46 -20.38
CA ILE A 478 13.50 -29.14 -20.85
C ILE A 478 12.57 -28.18 -21.60
N ASN A 479 13.15 -27.10 -22.12
CA ASN A 479 12.44 -26.15 -22.97
C ASN A 479 11.30 -25.46 -22.24
N GLN A 480 11.56 -25.01 -21.02
CA GLN A 480 10.61 -24.20 -20.28
C GLN A 480 11.30 -22.93 -19.80
N GLU A 481 12.01 -22.28 -20.72
CA GLU A 481 12.75 -21.06 -20.40
C GLU A 481 11.81 -19.94 -19.93
N SER A 482 10.55 -20.03 -20.32
CA SER A 482 9.55 -19.05 -19.91
C SER A 482 9.24 -19.12 -18.42
N CYS A 483 9.60 -20.23 -17.79
CA CYS A 483 9.30 -20.44 -16.38
CA CYS A 483 9.31 -20.45 -16.39
C CYS A 483 10.35 -19.81 -15.48
N ILE A 484 11.48 -19.43 -16.05
CA ILE A 484 12.58 -18.92 -15.26
C ILE A 484 12.25 -17.60 -14.56
N GLU A 485 11.65 -16.67 -15.28
CA GLU A 485 11.33 -15.38 -14.66
C GLU A 485 10.30 -15.53 -13.53
N PRO A 486 9.22 -16.32 -13.73
CA PRO A 486 8.35 -16.50 -12.58
C PRO A 486 8.99 -17.27 -11.42
N LEU A 487 9.95 -18.15 -11.69
CA LEU A 487 10.71 -18.78 -10.61
C LEU A 487 11.49 -17.72 -9.82
N ALA A 488 12.16 -16.83 -10.53
CA ALA A 488 12.92 -15.75 -9.89
C ALA A 488 12.01 -14.86 -9.05
N GLU A 489 10.83 -14.57 -9.57
CA GLU A 489 9.88 -13.71 -8.87
C GLU A 489 9.38 -14.39 -7.60
N SER A 490 9.13 -15.69 -7.71
CA SER A 490 8.64 -16.48 -6.58
C SER A 490 9.66 -16.58 -5.46
N ILE A 491 10.93 -16.82 -5.80
CA ILE A 491 11.97 -16.88 -4.80
C ILE A 491 12.18 -15.49 -4.19
N THR A 492 12.18 -14.46 -5.02
CA THR A 492 12.36 -13.09 -4.53
C THR A 492 11.25 -12.74 -3.54
N ASP A 493 10.01 -13.09 -3.91
CA ASP A 493 8.85 -12.80 -3.08
C ASP A 493 8.95 -13.50 -1.73
N VAL A 494 9.33 -14.77 -1.76
CA VAL A 494 9.47 -15.57 -0.55
C VAL A 494 10.56 -14.99 0.35
N LEU A 495 11.69 -14.66 -0.24
CA LEU A 495 12.81 -14.10 0.52
C LEU A 495 12.47 -12.77 1.18
N VAL A 496 11.99 -11.81 0.41
CA VAL A 496 11.80 -10.47 0.95
C VAL A 496 10.63 -10.42 1.93
N ARG A 497 9.65 -11.30 1.74
CA ARG A 497 8.51 -11.37 2.65
C ARG A 497 8.91 -11.96 3.99
N THR A 498 9.58 -13.10 3.98
CA THR A 498 9.90 -13.81 5.23
C THR A 498 11.10 -13.23 5.96
N LYS A 499 12.02 -12.59 5.25
CA LYS A 499 13.23 -12.08 5.89
C LYS A 499 13.36 -10.56 5.80
N ARG A 500 12.23 -9.88 5.59
CA ARG A 500 12.19 -8.42 5.47
C ARG A 500 13.04 -7.69 6.52
N ASP A 501 12.73 -7.95 7.79
CA ASP A 501 13.36 -7.22 8.88
C ASP A 501 14.86 -7.51 8.96
N TRP A 502 15.22 -8.78 8.79
CA TRP A 502 16.61 -9.17 8.81
C TRP A 502 17.37 -8.49 7.69
N LEU A 503 16.80 -8.52 6.50
CA LEU A 503 17.43 -7.92 5.32
C LEU A 503 17.65 -6.42 5.54
N VAL A 504 16.65 -5.71 6.05
CA VAL A 504 16.80 -4.29 6.30
C VAL A 504 17.87 -4.03 7.37
N LYS A 505 17.90 -4.88 8.39
CA LYS A 505 18.91 -4.79 9.44
C LYS A 505 20.34 -4.98 8.90
N GLN A 506 20.49 -5.79 7.86
CA GLN A 506 21.81 -5.97 7.25
C GLN A 506 22.13 -4.87 6.24
N ARG A 507 21.23 -3.90 6.13
CA ARG A 507 21.31 -2.85 5.12
C ARG A 507 21.15 -3.43 3.73
N GLY A 508 20.30 -4.45 3.64
CA GLY A 508 19.99 -5.06 2.36
C GLY A 508 21.19 -5.73 1.75
N TRP A 509 21.29 -5.65 0.43
CA TRP A 509 22.32 -6.36 -0.31
C TRP A 509 23.71 -5.75 -0.14
N ASP A 510 23.78 -4.51 0.34
CA ASP A 510 25.07 -3.95 0.73
C ASP A 510 25.71 -4.79 1.84
N GLY A 511 24.87 -5.30 2.74
CA GLY A 511 25.38 -6.16 3.81
C GLY A 511 25.91 -7.47 3.26
N PHE A 512 25.23 -7.97 2.24
CA PHE A 512 25.63 -9.19 1.54
C PHE A 512 27.03 -9.05 0.97
N VAL A 513 27.24 -7.95 0.24
CA VAL A 513 28.54 -7.67 -0.37
C VAL A 513 29.65 -7.56 0.69
N GLU A 514 29.36 -6.83 1.77
CA GLU A 514 30.37 -6.68 2.81
C GLU A 514 30.67 -7.98 3.54
N PHE A 515 29.64 -8.80 3.77
CA PHE A 515 29.81 -10.05 4.50
C PHE A 515 30.79 -11.00 3.82
N PHE A 516 30.71 -11.06 2.50
CA PHE A 516 31.55 -11.97 1.73
C PHE A 516 32.73 -11.28 1.06
N HIS A 517 33.00 -10.04 1.44
CA HIS A 517 34.08 -9.27 0.83
C HIS A 517 35.41 -10.02 0.93
N VAL A 518 36.17 -10.01 -0.16
CA VAL A 518 37.45 -10.70 -0.20
C VAL A 518 38.60 -9.71 -0.02
C1 GLC B . -8.18 5.77 5.17
C2 GLC B . -7.96 5.64 3.66
C3 GLC B . -6.81 4.70 3.31
C4 GLC B . -5.59 4.98 4.17
C5 GLC B . -5.96 4.97 5.65
C6 GLC B . -4.74 5.29 6.49
O1 GLC B . -8.87 4.63 5.67
O2 GLC B . -9.12 5.16 3.04
O3 GLC B . -6.47 4.88 1.95
O4 GLC B . -4.60 3.99 3.93
O5 GLC B . -6.97 5.95 5.88
O6 GLC B . -4.95 4.91 7.83
C1 GLC B . -3.52 4.35 3.09
C2 GLC B . -3.31 3.22 2.11
C3 GLC B . -2.96 1.95 2.88
C4 GLC B . -1.73 2.23 3.75
C5 GLC B . -1.93 3.46 4.63
C6 GLC B . -0.62 3.79 5.32
O2 GLC B . -4.51 3.05 1.37
O3 GLC B . -2.69 0.87 1.98
O4 GLC B . -1.46 1.11 4.56
O5 GLC B . -2.33 4.57 3.84
O6 GLC B . -0.82 4.69 6.38
C11 3M6 C . 16.93 -24.60 5.10
C14 3M6 C . 16.45 -22.04 5.16
C15 3M6 C . 15.84 -21.03 5.90
C16 3M6 C . 15.84 -19.71 5.43
C25 3M6 C . 14.96 -26.66 2.34
C26 3M6 C . 14.98 -25.49 1.53
C01 3M6 C . 14.17 -30.74 5.40
C02 3M6 C . 14.38 -31.07 3.95
N03 3M6 C . 14.66 -29.87 3.20
C04 3M6 C . 16.00 -29.70 2.68
C05 3M6 C . 16.91 -29.03 3.72
C06 3M6 C . 18.26 -28.77 3.11
C07 3M6 C . 16.31 -27.70 4.24
C08 3M6 C . 17.24 -27.12 5.28
N09 3M6 C . 16.71 -25.87 5.81
C10 3M6 C . 15.94 -25.87 7.05
O12 3M6 C . 17.57 -24.58 4.09
N13 3M6 C . 16.37 -23.40 5.70
C17 3M6 C . 16.44 -19.41 4.22
C18 3M6 C . 17.05 -20.42 3.45
C19 3M6 C . 17.04 -21.74 3.93
C20 3M6 C . 16.43 -17.94 3.73
F21 3M6 C . 17.20 -17.21 4.55
F22 3M6 C . 16.87 -17.86 2.46
F23 3M6 C . 15.16 -17.49 3.80
O24 3M6 C . 16.14 -26.76 3.18
N27 3M6 C . 16.11 -24.57 1.66
S28 3M6 C . 17.08 -24.22 0.33
O29 3M6 C . 16.38 -23.47 -0.70
O30 3M6 C . 18.19 -23.40 0.72
C31 3M6 C . 17.62 -25.83 -0.34
C32 3M6 C . 16.97 -26.35 -1.43
C33 3M6 C . 17.37 -27.59 -1.94
C34 3M6 C . 18.41 -28.27 -1.34
F35 3M6 C . 18.79 -29.45 -1.82
C36 3M6 C . 19.06 -27.74 -0.22
C37 3M6 C . 18.67 -26.52 0.29
C38 3M6 C . 13.95 -25.20 0.64
C39 3M6 C . 12.86 -26.09 0.53
C40 3M6 C . 12.83 -27.23 1.30
C41 3M6 C . 13.89 -27.55 2.21
C42 3M6 C . 13.65 -28.86 2.99
O43 3M6 C . 12.54 -29.00 3.44
C44 3M6 C . 13.15 -31.77 3.39
O45 3M6 C . 13.16 -32.19 2.19
O46 3M6 C . 12.12 -31.91 4.12
MG MG D . 19.90 1.05 8.87
C FMT E . -20.45 4.32 11.27
O1 FMT E . -20.49 3.86 10.13
O2 FMT E . -19.73 3.85 12.17
C FMT F . -2.06 2.56 -10.48
O1 FMT F . -2.52 3.59 -9.95
O2 FMT F . -1.10 2.55 -11.25
C FMT G . -14.95 9.33 -21.26
O1 FMT G . -15.13 10.24 -20.46
O2 FMT G . -15.80 8.46 -21.52
C FMT H . 6.45 -8.27 -2.90
O1 FMT H . 6.82 -7.59 -1.95
O2 FMT H . 6.04 -7.81 -3.95
C FMT I . 11.71 23.85 13.31
O1 FMT I . 11.88 23.88 12.08
O2 FMT I . 12.64 23.80 14.12
C FMT J . 11.34 13.42 19.50
O1 FMT J . 12.27 12.62 19.33
O2 FMT J . 11.22 14.12 20.49
C FMT K . -14.27 12.82 -9.37
O1 FMT K . -13.55 13.51 -10.08
O2 FMT K . -14.08 11.62 -9.13
C FMT L . 19.60 0.31 5.93
O1 FMT L . 19.93 0.34 4.74
O2 FMT L . 20.22 0.89 6.82
C FMT M . 21.54 -24.69 6.85
O1 FMT M . 20.75 -25.50 7.34
O2 FMT M . 21.97 -23.71 7.44
C FMT N . 10.10 -9.82 8.85
O1 FMT N . 11.28 -10.09 8.62
O2 FMT N . 9.16 -10.61 8.69
#